data_4D58
#
_entry.id   4D58
#
_cell.length_a   44.983
_cell.length_b   123.368
_cell.length_c   50.843
_cell.angle_alpha   90.00
_cell.angle_beta   94.65
_cell.angle_gamma   90.00
#
_symmetry.space_group_name_H-M   'P 1 21 1'
#
loop_
_entity.id
_entity.type
_entity.pdbx_description
1 polymer 'FOCAL ADHESION KINASE'
2 non-polymer 'SULFATE ION'
3 non-polymer 2-({5-CHLORO-2-[(2-METHOXY-4-MORPHOLIN-4-YLPHENYL)AMINO]PYRIMIDIN-4-YL}AMINO)-N-METHYLBENZAMIDE
4 water water
#
_entity_poly.entity_id   1
_entity_poly.type   'polypeptide(L)'
_entity_poly.pdbx_seq_one_letter_code
;STRDYEIQRERIELGRCIGEGQFGDVHQGIYMSPENPAMAVAIKTCKNCTSDSVREKFLQEALTMRQFDHPHIVKLIGVI
TENPVWIIMELCTLGELRSFLQVRKFSLDLASLILYAYQLSTALAYLESKRFVHRDIAARNVLVSATDCVKLGDFGLSRY
MEDSTYYKASKGKLPIKWMAPESINFRRFTSASDVWMFGVCMWEILMHGVKPFQGVKNNDVIGRIENGERLPMPPNCPPT
LYSLMTKCWAYDPSRRPRFTELKAQLSTILEEEKLQ
;
_entity_poly.pdbx_strand_id   A,B
#
loop_
_chem_comp.id
_chem_comp.type
_chem_comp.name
_chem_comp.formula
BI9 non-polymer 2-({5-CHLORO-2-[(2-METHOXY-4-MORPHOLIN-4-YLPHENYL)AMINO]PYRIMIDIN-4-YL}AMINO)-N-METHYLBENZAMIDE 'C23 H25 Cl N6 O3'
SO4 non-polymer 'SULFATE ION' 'O4 S -2'
#
# COMPACT_ATOMS: atom_id res chain seq x y z
N ASP A 4 -24.31 -20.83 10.40
CA ASP A 4 -23.10 -20.63 11.23
C ASP A 4 -21.93 -20.21 10.34
N TYR A 5 -21.71 -18.90 10.27
CA TYR A 5 -20.62 -18.34 9.47
C TYR A 5 -19.30 -18.25 10.24
N GLU A 6 -19.28 -18.73 11.49
CA GLU A 6 -18.05 -18.72 12.28
C GLU A 6 -17.08 -19.80 11.79
N ILE A 7 -15.86 -19.39 11.50
CA ILE A 7 -14.84 -20.31 11.04
C ILE A 7 -13.76 -20.41 12.11
N GLN A 8 -13.33 -21.63 12.40
CA GLN A 8 -12.27 -21.83 13.38
C GLN A 8 -10.98 -21.39 12.73
N ARG A 9 -10.19 -20.62 13.47
CA ARG A 9 -8.90 -20.11 13.01
C ARG A 9 -7.98 -21.16 12.42
N GLU A 10 -7.92 -22.35 13.02
CA GLU A 10 -7.05 -23.42 12.51
C GLU A 10 -7.40 -23.92 11.07
N ARG A 11 -8.62 -23.62 10.61
CA ARG A 11 -9.03 -23.97 9.25
C ARG A 11 -8.52 -22.96 8.20
N ILE A 12 -7.89 -21.88 8.65
CA ILE A 12 -7.47 -20.82 7.74
C ILE A 12 -5.94 -20.72 7.73
N GLU A 13 -5.36 -20.84 6.54
CA GLU A 13 -3.95 -20.57 6.35
C GLU A 13 -3.79 -19.19 5.71
N LEU A 14 -3.22 -18.27 6.48
CA LEU A 14 -3.03 -16.90 6.05
C LEU A 14 -1.86 -16.80 5.07
N GLY A 15 -2.13 -16.35 3.85
CA GLY A 15 -1.11 -16.21 2.82
C GLY A 15 -0.70 -14.75 2.63
N ARG A 16 -0.18 -14.44 1.44
CA ARG A 16 0.39 -13.12 1.16
C ARG A 16 -0.63 -11.98 1.18
N CYS A 17 -0.15 -10.78 1.48
CA CYS A 17 -0.99 -9.58 1.43
C CYS A 17 -1.29 -9.25 -0.01
N ILE A 18 -2.56 -9.07 -0.32
CA ILE A 18 -2.94 -8.81 -1.69
C ILE A 18 -3.16 -7.33 -1.87
N GLY A 19 -3.73 -6.68 -0.85
CA GLY A 19 -3.99 -5.26 -0.90
C GLY A 19 -4.27 -4.62 0.45
N GLU A 20 -4.48 -3.32 0.39
CA GLU A 20 -4.89 -2.54 1.56
C GLU A 20 -6.40 -2.65 1.66
N GLY A 21 -6.96 -2.33 2.82
CA GLY A 21 -8.41 -2.28 3.02
C GLY A 21 -8.74 -1.17 3.99
N GLN A 22 -10.01 -0.83 4.11
CA GLN A 22 -10.43 0.27 4.99
C GLN A 22 -9.98 0.13 6.45
N PHE A 23 -10.05 -1.09 7.00
CA PHE A 23 -9.73 -1.35 8.41
C PHE A 23 -8.41 -2.06 8.60
N GLY A 24 -7.79 -2.49 7.51
CA GLY A 24 -6.52 -3.21 7.60
C GLY A 24 -6.22 -3.91 6.31
N ASP A 25 -5.05 -4.55 6.23
CA ASP A 25 -4.66 -5.24 5.01
C ASP A 25 -5.54 -6.46 4.70
N VAL A 26 -5.65 -6.77 3.41
CA VAL A 26 -6.35 -7.95 2.90
C VAL A 26 -5.32 -8.91 2.34
N HIS A 27 -5.46 -10.18 2.75
CA HIS A 27 -4.54 -11.25 2.37
C HIS A 27 -5.28 -12.29 1.54
N GLN A 28 -4.55 -13.04 0.73
CA GLN A 28 -5.14 -14.28 0.20
C GLN A 28 -4.80 -15.35 1.21
N GLY A 29 -5.48 -16.49 1.09
CA GLY A 29 -5.24 -17.59 2.00
C GLY A 29 -5.93 -18.85 1.53
N ILE A 30 -5.88 -19.88 2.37
CA ILE A 30 -6.50 -21.17 2.10
C ILE A 30 -7.41 -21.51 3.25
N TYR A 31 -8.64 -21.90 2.91
CA TYR A 31 -9.61 -22.37 3.88
C TYR A 31 -9.72 -23.89 3.68
N MET A 32 -9.32 -24.62 4.71
CA MET A 32 -9.34 -26.07 4.74
C MET A 32 -10.69 -26.45 5.31
N SER A 33 -11.68 -26.57 4.43
CA SER A 33 -13.09 -26.64 4.82
C SER A 33 -13.67 -28.03 4.56
N PRO A 34 -14.82 -28.33 5.18
CA PRO A 34 -15.41 -29.65 4.98
C PRO A 34 -15.87 -29.87 3.55
N GLU A 35 -16.41 -28.81 2.95
CA GLU A 35 -16.82 -28.83 1.56
C GLU A 35 -15.65 -28.94 0.62
N ASN A 36 -14.48 -28.45 1.02
CA ASN A 36 -13.36 -28.26 0.11
C ASN A 36 -12.04 -28.12 0.88
N PRO A 37 -11.15 -29.12 0.76
CA PRO A 37 -9.95 -29.12 1.59
C PRO A 37 -8.94 -28.00 1.28
N ALA A 38 -9.02 -27.34 0.16
CA ALA A 38 -8.11 -26.22 -0.08
C ALA A 38 -8.80 -25.15 -0.92
N MET A 39 -9.69 -24.40 -0.27
CA MET A 39 -10.46 -23.36 -0.94
C MET A 39 -9.64 -22.07 -0.90
N ALA A 40 -9.34 -21.49 -2.06
CA ALA A 40 -8.69 -20.17 -2.11
C ALA A 40 -9.67 -19.11 -1.63
N VAL A 41 -9.24 -18.24 -0.71
CA VAL A 41 -10.09 -17.20 -0.13
C VAL A 41 -9.32 -15.90 0.05
N ALA A 42 -10.05 -14.80 0.22
CA ALA A 42 -9.49 -13.53 0.68
C ALA A 42 -9.82 -13.38 2.15
N ILE A 43 -8.89 -12.77 2.88
CA ILE A 43 -9.02 -12.57 4.32
C ILE A 43 -8.85 -11.09 4.63
N LYS A 44 -9.90 -10.47 5.13
CA LYS A 44 -9.83 -9.08 5.52
C LYS A 44 -9.44 -9.01 6.97
N THR A 45 -8.42 -8.22 7.27
CA THR A 45 -8.00 -8.01 8.65
C THR A 45 -8.39 -6.62 9.17
N CYS A 46 -8.24 -6.46 10.48
CA CYS A 46 -8.74 -5.30 11.15
C CYS A 46 -7.74 -4.91 12.23
N LYS A 47 -7.01 -3.84 12.02
CA LYS A 47 -6.10 -3.40 13.09
C LYS A 47 -6.94 -2.65 14.15
N ASN A 48 -6.51 -2.70 15.41
CA ASN A 48 -7.30 -2.11 16.51
C ASN A 48 -8.67 -2.77 16.72
N CYS A 49 -8.79 -4.04 16.33
CA CYS A 49 -10.03 -4.80 16.52
C CYS A 49 -10.26 -5.09 18.00
N THR A 50 -9.25 -4.86 18.83
CA THR A 50 -9.44 -4.80 20.28
C THR A 50 -10.45 -3.72 20.69
N SER A 51 -10.58 -2.65 19.90
CA SER A 51 -11.60 -1.63 20.13
C SER A 51 -12.98 -2.10 19.73
N ASP A 52 -13.89 -2.21 20.70
CA ASP A 52 -15.27 -2.64 20.45
C ASP A 52 -15.90 -1.83 19.31
N SER A 53 -15.64 -0.53 19.31
CA SER A 53 -16.17 0.37 18.30
C SER A 53 -15.69 0.02 16.89
N VAL A 54 -14.40 -0.30 16.75
CA VAL A 54 -13.84 -0.60 15.44
C VAL A 54 -14.32 -1.97 14.97
N ARG A 55 -14.28 -2.95 15.87
CA ARG A 55 -14.76 -4.32 15.57
C ARG A 55 -16.15 -4.34 15.01
N GLU A 56 -17.02 -3.55 15.63
CA GLU A 56 -18.43 -3.53 15.29
C GLU A 56 -18.64 -3.01 13.87
N LYS A 57 -17.99 -1.90 13.53
CA LYS A 57 -18.09 -1.36 12.17
C LYS A 57 -17.53 -2.33 11.14
N PHE A 58 -16.39 -2.94 11.46
CA PHE A 58 -15.72 -3.89 10.57
C PHE A 58 -16.65 -5.07 10.31
N LEU A 59 -17.11 -5.70 11.39
CA LEU A 59 -17.97 -6.87 11.24
C LEU A 59 -19.34 -6.59 10.60
N GLN A 60 -19.83 -5.35 10.69
CA GLN A 60 -21.07 -4.96 10.00
C GLN A 60 -21.04 -5.17 8.47
N GLU A 61 -19.88 -5.01 7.85
CA GLU A 61 -19.82 -5.26 6.39
C GLU A 61 -20.07 -6.72 6.05
N ALA A 62 -19.69 -7.65 6.94
CA ALA A 62 -19.98 -9.07 6.73
C ALA A 62 -21.47 -9.33 6.84
N LEU A 63 -22.12 -8.66 7.79
CA LEU A 63 -23.56 -8.79 7.95
C LEU A 63 -24.25 -8.30 6.69
N THR A 64 -23.79 -7.15 6.19
CA THR A 64 -24.34 -6.56 4.98
C THR A 64 -24.14 -7.46 3.79
N MET A 65 -22.92 -7.97 3.62
CA MET A 65 -22.57 -8.81 2.47
CA MET A 65 -22.59 -8.82 2.47
C MET A 65 -23.41 -10.09 2.44
N ARG A 66 -23.70 -10.63 3.62
CA ARG A 66 -24.48 -11.87 3.76
C ARG A 66 -25.93 -11.72 3.22
N GLN A 67 -26.42 -10.50 3.12
CA GLN A 67 -27.78 -10.22 2.64
C GLN A 67 -27.93 -10.39 1.13
N PHE A 68 -26.81 -10.40 0.40
CA PHE A 68 -26.83 -10.31 -1.07
C PHE A 68 -26.35 -11.58 -1.75
N ASP A 69 -26.94 -11.87 -2.90
CA ASP A 69 -26.53 -12.99 -3.73
C ASP A 69 -26.65 -12.55 -5.16
N HIS A 70 -25.52 -12.17 -5.75
CA HIS A 70 -25.52 -11.69 -7.12
C HIS A 70 -24.20 -12.05 -7.78
N PRO A 71 -24.19 -12.34 -9.09
CA PRO A 71 -22.93 -12.76 -9.69
C PRO A 71 -21.83 -11.69 -9.70
N HIS A 72 -22.18 -10.42 -9.49
CA HIS A 72 -21.20 -9.34 -9.58
C HIS A 72 -21.06 -8.62 -8.24
N ILE A 73 -21.37 -9.34 -7.17
CA ILE A 73 -21.11 -8.91 -5.82
C ILE A 73 -20.35 -10.01 -5.11
N VAL A 74 -19.21 -9.66 -4.50
CA VAL A 74 -18.39 -10.67 -3.82
CA VAL A 74 -18.37 -10.64 -3.80
C VAL A 74 -19.16 -11.33 -2.70
N LYS A 75 -18.92 -12.63 -2.51
CA LYS A 75 -19.66 -13.38 -1.51
C LYS A 75 -18.89 -13.52 -0.22
N LEU A 76 -19.63 -13.52 0.88
CA LEU A 76 -19.07 -13.80 2.19
C LEU A 76 -18.96 -15.29 2.37
N ILE A 77 -17.82 -15.74 2.91
CA ILE A 77 -17.58 -17.14 3.20
C ILE A 77 -17.71 -17.37 4.69
N GLY A 78 -17.18 -16.46 5.50
CA GLY A 78 -17.28 -16.60 6.94
C GLY A 78 -16.56 -15.53 7.71
N VAL A 79 -16.57 -15.67 9.03
CA VAL A 79 -15.93 -14.72 9.94
C VAL A 79 -15.21 -15.44 11.06
N ILE A 80 -14.18 -14.79 11.58
CA ILE A 80 -13.53 -15.22 12.80
C ILE A 80 -13.66 -14.06 13.74
N THR A 81 -14.44 -14.25 14.79
CA THR A 81 -14.87 -13.12 15.62
C THR A 81 -14.12 -13.01 16.95
N GLU A 82 -13.03 -13.76 17.09
CA GLU A 82 -12.14 -13.57 18.21
C GLU A 82 -10.95 -12.81 17.68
N ASN A 83 -10.31 -12.03 18.54
CA ASN A 83 -9.18 -11.23 18.14
C ASN A 83 -8.00 -12.11 17.70
N PRO A 84 -7.35 -11.79 16.57
CA PRO A 84 -7.64 -10.72 15.61
C PRO A 84 -8.78 -11.14 14.68
N VAL A 85 -9.76 -10.25 14.50
CA VAL A 85 -10.99 -10.57 13.79
C VAL A 85 -10.68 -10.56 12.29
N TRP A 86 -11.15 -11.59 11.60
CA TRP A 86 -11.01 -11.70 10.16
C TRP A 86 -12.37 -11.88 9.51
N ILE A 87 -12.51 -11.31 8.32
CA ILE A 87 -13.63 -11.60 7.42
C ILE A 87 -13.10 -12.46 6.28
N ILE A 88 -13.71 -13.63 6.08
CA ILE A 88 -13.29 -14.56 5.01
C ILE A 88 -14.26 -14.40 3.84
N MET A 89 -13.71 -14.11 2.66
CA MET A 89 -14.44 -13.69 1.46
C MET A 89 -14.00 -14.48 0.24
N GLU A 90 -14.85 -14.52 -0.78
CA GLU A 90 -14.48 -15.03 -2.09
C GLU A 90 -13.24 -14.27 -2.62
N LEU A 91 -12.30 -15.00 -3.19
CA LEU A 91 -11.07 -14.39 -3.73
C LEU A 91 -11.28 -13.97 -5.19
N CYS A 92 -11.10 -12.69 -5.49
CA CYS A 92 -11.07 -12.22 -6.85
C CYS A 92 -9.61 -12.09 -7.22
N THR A 93 -9.13 -13.03 -8.00
CA THR A 93 -7.69 -13.27 -8.08
C THR A 93 -6.91 -12.20 -8.83
N LEU A 94 -7.57 -11.32 -9.55
CA LEU A 94 -6.87 -10.27 -10.29
C LEU A 94 -6.87 -8.96 -9.54
N GLY A 95 -7.44 -8.96 -8.33
CA GLY A 95 -7.28 -7.84 -7.41
C GLY A 95 -8.12 -6.61 -7.71
N GLU A 96 -7.67 -5.47 -7.20
CA GLU A 96 -8.42 -4.21 -7.25
C GLU A 96 -8.54 -3.71 -8.67
N LEU A 97 -9.70 -3.11 -9.00
CA LEU A 97 -9.98 -2.66 -10.36
C LEU A 97 -9.05 -1.53 -10.83
N ARG A 98 -8.78 -0.55 -9.97
CA ARG A 98 -7.92 0.59 -10.35
C ARG A 98 -6.52 0.18 -10.79
N SER A 99 -5.85 -0.64 -9.98
CA SER A 99 -4.50 -1.14 -10.29
C SER A 99 -4.53 -2.01 -11.54
N PHE A 100 -5.58 -2.80 -11.68
CA PHE A 100 -5.77 -3.66 -12.83
C PHE A 100 -5.90 -2.88 -14.12
N LEU A 101 -6.69 -1.82 -14.10
CA LEU A 101 -6.88 -0.98 -15.28
C LEU A 101 -5.61 -0.19 -15.62
N GLN A 102 -4.87 0.23 -14.58
CA GLN A 102 -3.64 0.99 -14.78
C GLN A 102 -2.56 0.11 -15.38
N VAL A 103 -2.40 -1.09 -14.84
CA VAL A 103 -1.40 -2.04 -15.34
C VAL A 103 -1.73 -2.56 -16.73
N ARG A 104 -3.01 -2.75 -17.03
CA ARG A 104 -3.40 -3.34 -18.32
C ARG A 104 -3.95 -2.28 -19.25
N LYS A 105 -3.54 -1.05 -19.02
CA LYS A 105 -4.05 0.09 -19.77
C LYS A 105 -4.04 -0.15 -21.28
N PHE A 106 -2.94 -0.73 -21.79
CA PHE A 106 -2.76 -0.90 -23.24
C PHE A 106 -2.97 -2.33 -23.70
N SER A 107 -3.51 -3.17 -22.82
CA SER A 107 -3.96 -4.52 -23.18
C SER A 107 -5.48 -4.56 -23.26
N LEU A 108 -6.15 -3.70 -22.48
CA LEU A 108 -7.61 -3.74 -22.36
C LEU A 108 -8.30 -2.95 -23.46
N ASP A 109 -9.09 -3.65 -24.28
CA ASP A 109 -9.86 -2.97 -25.31
C ASP A 109 -11.10 -2.32 -24.72
N LEU A 110 -11.68 -1.43 -25.51
CA LEU A 110 -12.86 -0.67 -25.14
C LEU A 110 -14.06 -1.55 -24.72
N ALA A 111 -14.25 -2.66 -25.43
CA ALA A 111 -15.35 -3.60 -25.11
C ALA A 111 -15.26 -4.15 -23.67
N SER A 112 -14.04 -4.38 -23.19
CA SER A 112 -13.80 -4.87 -21.85
C SER A 112 -14.19 -3.81 -20.80
N LEU A 113 -13.76 -2.56 -21.02
CA LEU A 113 -14.13 -1.44 -20.12
C LEU A 113 -15.67 -1.25 -20.06
N ILE A 114 -16.33 -1.32 -21.21
CA ILE A 114 -17.78 -1.19 -21.25
C ILE A 114 -18.44 -2.38 -20.54
N LEU A 115 -17.90 -3.57 -20.73
CA LEU A 115 -18.39 -4.76 -20.00
C LEU A 115 -18.37 -4.55 -18.48
N TYR A 116 -17.25 -4.03 -17.98
CA TYR A 116 -17.08 -3.79 -16.53
C TYR A 116 -18.15 -2.80 -16.04
N ALA A 117 -18.43 -1.72 -16.80
CA ALA A 117 -19.48 -0.78 -16.37
C ALA A 117 -20.85 -1.47 -16.38
N TYR A 118 -21.07 -2.31 -17.40
CA TYR A 118 -22.33 -3.05 -17.53
C TYR A 118 -22.51 -4.02 -16.36
N GLN A 119 -21.46 -4.75 -16.02
CA GLN A 119 -21.52 -5.75 -14.97
C GLN A 119 -21.80 -5.09 -13.62
N LEU A 120 -21.18 -3.94 -13.40
CA LEU A 120 -21.44 -3.13 -12.20
C LEU A 120 -22.88 -2.62 -12.16
N SER A 121 -23.41 -2.15 -13.28
CA SER A 121 -24.81 -1.68 -13.36
C SER A 121 -25.77 -2.79 -13.03
N THR A 122 -25.35 -4.01 -13.36
CA THR A 122 -26.09 -5.24 -13.07
C THR A 122 -26.21 -5.47 -11.53
N ALA A 123 -25.08 -5.32 -10.83
CA ALA A 123 -25.02 -5.41 -9.36
C ALA A 123 -25.85 -4.30 -8.72
N LEU A 124 -25.71 -3.10 -9.26
CA LEU A 124 -26.36 -1.92 -8.69
C LEU A 124 -27.87 -1.92 -8.91
N ALA A 125 -28.32 -2.40 -10.08
CA ALA A 125 -29.73 -2.62 -10.31
C ALA A 125 -30.32 -3.60 -9.30
N TYR A 126 -29.58 -4.68 -9.02
CA TYR A 126 -29.98 -5.64 -8.00
C TYR A 126 -30.08 -5.00 -6.61
N LEU A 127 -29.10 -4.19 -6.24
CA LEU A 127 -29.15 -3.52 -4.92
C LEU A 127 -30.31 -2.55 -4.87
N GLU A 128 -30.53 -1.84 -5.98
CA GLU A 128 -31.68 -0.96 -6.10
C GLU A 128 -32.98 -1.69 -5.92
N SER A 129 -33.08 -2.89 -6.50
CA SER A 129 -34.28 -3.76 -6.41
C SER A 129 -34.61 -4.18 -4.96
N LYS A 130 -33.58 -4.20 -4.12
CA LYS A 130 -33.68 -4.49 -2.71
C LYS A 130 -33.70 -3.24 -1.82
N ARG A 131 -33.81 -2.07 -2.46
CA ARG A 131 -33.84 -0.77 -1.80
C ARG A 131 -32.62 -0.55 -0.88
N PHE A 132 -31.45 -0.97 -1.36
CA PHE A 132 -30.22 -0.82 -0.60
C PHE A 132 -29.36 0.28 -1.23
N VAL A 133 -28.97 1.25 -0.41
CA VAL A 133 -28.21 2.41 -0.85
C VAL A 133 -26.77 2.15 -0.41
N HIS A 134 -25.86 2.19 -1.38
CA HIS A 134 -24.49 1.79 -1.16
C HIS A 134 -23.63 2.90 -0.54
N ARG A 135 -23.71 4.11 -1.11
CA ARG A 135 -23.02 5.31 -0.54
C ARG A 135 -21.53 5.50 -0.88
N ASP A 136 -20.89 4.51 -1.47
CA ASP A 136 -19.46 4.60 -1.75
C ASP A 136 -19.13 3.85 -3.04
N ILE A 137 -19.80 4.19 -4.14
CA ILE A 137 -19.56 3.53 -5.42
C ILE A 137 -18.38 4.24 -6.07
N ALA A 138 -17.30 3.51 -6.28
CA ALA A 138 -16.08 4.05 -6.83
C ALA A 138 -15.26 2.87 -7.31
N ALA A 139 -14.34 3.12 -8.23
CA ALA A 139 -13.52 2.03 -8.78
C ALA A 139 -12.66 1.32 -7.74
N ARG A 140 -12.17 2.02 -6.72
CA ARG A 140 -11.44 1.42 -5.59
C ARG A 140 -12.19 0.31 -4.84
N ASN A 141 -13.52 0.29 -4.94
CA ASN A 141 -14.31 -0.74 -4.26
C ASN A 141 -14.77 -1.87 -5.17
N VAL A 142 -14.17 -1.97 -6.33
CA VAL A 142 -14.45 -3.01 -7.29
C VAL A 142 -13.21 -3.91 -7.40
N LEU A 143 -13.48 -5.20 -7.48
CA LEU A 143 -12.47 -6.27 -7.60
C LEU A 143 -12.65 -6.96 -8.95
N VAL A 144 -11.56 -7.56 -9.42
CA VAL A 144 -11.53 -8.23 -10.69
C VAL A 144 -11.30 -9.73 -10.48
N SER A 145 -12.31 -10.50 -10.85
CA SER A 145 -12.31 -11.95 -10.66
C SER A 145 -11.76 -12.68 -11.92
N ALA A 146 -12.01 -12.12 -13.09
CA ALA A 146 -11.39 -12.61 -14.34
C ALA A 146 -11.36 -11.43 -15.30
N THR A 147 -10.66 -11.57 -16.42
CA THR A 147 -10.49 -10.47 -17.37
C THR A 147 -11.86 -10.00 -17.92
N ASP A 148 -12.84 -10.89 -17.84
CA ASP A 148 -14.20 -10.61 -18.27
C ASP A 148 -15.22 -10.62 -17.10
N CYS A 149 -14.76 -10.37 -15.86
CA CYS A 149 -15.69 -10.38 -14.72
C CYS A 149 -15.16 -9.54 -13.54
N VAL A 150 -15.87 -8.45 -13.26
CA VAL A 150 -15.63 -7.64 -12.07
C VAL A 150 -16.77 -7.80 -11.06
N LYS A 151 -16.49 -7.50 -9.79
CA LYS A 151 -17.49 -7.60 -8.74
C LYS A 151 -17.35 -6.41 -7.80
N LEU A 152 -18.50 -5.91 -7.33
CA LEU A 152 -18.55 -4.94 -6.25
C LEU A 152 -18.01 -5.64 -5.02
N GLY A 153 -17.01 -5.06 -4.36
CA GLY A 153 -16.23 -5.81 -3.39
C GLY A 153 -16.24 -5.30 -1.98
N ASP A 154 -16.84 -4.14 -1.74
CA ASP A 154 -16.68 -3.45 -0.44
C ASP A 154 -17.98 -2.76 -0.02
N PHE A 155 -18.50 -3.16 1.13
CA PHE A 155 -19.67 -2.53 1.73
C PHE A 155 -19.25 -1.82 3.01
N LEU A 174 -14.07 11.28 3.73
CA LEU A 174 -15.25 11.39 2.86
C LEU A 174 -14.82 11.40 1.39
N PRO A 175 -15.43 10.54 0.55
CA PRO A 175 -15.03 10.51 -0.87
C PRO A 175 -15.64 11.64 -1.71
N ILE A 176 -15.25 12.87 -1.39
CA ILE A 176 -15.90 14.08 -1.91
C ILE A 176 -15.94 14.10 -3.43
N LYS A 177 -14.83 13.69 -4.04
CA LYS A 177 -14.70 13.77 -5.50
C LYS A 177 -15.63 12.78 -6.23
N TRP A 178 -16.22 11.84 -5.51
CA TRP A 178 -17.20 10.91 -6.09
C TRP A 178 -18.66 11.25 -5.74
N MET A 179 -18.85 12.15 -4.77
CA MET A 179 -20.17 12.33 -4.14
C MET A 179 -21.12 13.27 -4.90
N ALA A 180 -22.42 12.97 -4.87
CA ALA A 180 -23.42 13.84 -5.50
C ALA A 180 -23.48 15.16 -4.74
N PRO A 181 -23.95 16.25 -5.39
CA PRO A 181 -23.99 17.56 -4.71
C PRO A 181 -24.75 17.53 -3.38
N GLU A 182 -25.91 16.88 -3.39
CA GLU A 182 -26.76 16.80 -2.19
C GLU A 182 -26.11 16.01 -1.05
N SER A 183 -25.18 15.11 -1.38
CA SER A 183 -24.48 14.34 -0.36
C SER A 183 -23.44 15.23 0.33
N ILE A 184 -22.74 16.05 -0.45
CA ILE A 184 -21.72 16.94 0.09
C ILE A 184 -22.35 18.06 0.90
N ASN A 185 -23.45 18.60 0.38
CA ASN A 185 -24.10 19.75 1.00
C ASN A 185 -24.87 19.40 2.26
N PHE A 186 -25.66 18.32 2.18
CA PHE A 186 -26.62 18.00 3.24
C PHE A 186 -26.48 16.57 3.75
N ARG A 187 -25.35 15.93 3.47
CA ARG A 187 -25.10 14.55 3.92
C ARG A 187 -26.27 13.61 3.60
N ARG A 188 -26.90 13.84 2.45
CA ARG A 188 -28.03 13.03 1.99
C ARG A 188 -27.59 11.95 0.99
N PHE A 189 -27.99 10.71 1.25
CA PHE A 189 -27.61 9.59 0.40
C PHE A 189 -28.83 8.80 0.01
N THR A 190 -29.03 8.65 -1.28
CA THR A 190 -30.21 7.98 -1.82
C THR A 190 -29.83 7.10 -3.01
N SER A 191 -30.81 6.39 -3.57
CA SER A 191 -30.56 5.63 -4.81
C SER A 191 -30.03 6.58 -5.89
N ALA A 192 -30.51 7.83 -5.85
CA ALA A 192 -30.14 8.86 -6.84
C ALA A 192 -28.69 9.34 -6.69
N SER A 193 -28.24 9.49 -5.44
CA SER A 193 -26.84 9.85 -5.19
C SER A 193 -25.93 8.67 -5.59
N ASP A 194 -26.39 7.42 -5.44
CA ASP A 194 -25.64 6.23 -5.91
C ASP A 194 -25.42 6.31 -7.43
N VAL A 195 -26.44 6.70 -8.17
CA VAL A 195 -26.31 6.83 -9.62
C VAL A 195 -25.25 7.86 -10.00
N TRP A 196 -25.23 8.98 -9.27
CA TRP A 196 -24.19 9.99 -9.47
C TRP A 196 -22.83 9.38 -9.30
N MET A 197 -22.63 8.67 -8.20
CA MET A 197 -21.35 8.05 -7.92
CA MET A 197 -21.34 8.05 -7.91
C MET A 197 -20.99 7.03 -9.00
N PHE A 198 -21.99 6.27 -9.46
CA PHE A 198 -21.79 5.31 -10.56
C PHE A 198 -21.32 6.00 -11.83
N GLY A 199 -21.86 7.18 -12.11
CA GLY A 199 -21.40 8.00 -13.22
C GLY A 199 -19.91 8.25 -13.13
N VAL A 200 -19.44 8.62 -11.94
CA VAL A 200 -18.02 8.87 -11.73
C VAL A 200 -17.20 7.60 -11.89
N CYS A 201 -17.72 6.46 -11.41
CA CYS A 201 -17.04 5.19 -11.51
C CYS A 201 -16.88 4.80 -12.98
N MET A 202 -17.93 5.01 -13.78
CA MET A 202 -17.87 4.74 -15.23
C MET A 202 -16.76 5.58 -15.87
N TRP A 203 -16.68 6.84 -15.48
CA TRP A 203 -15.61 7.72 -15.91
C TRP A 203 -14.23 7.17 -15.53
N GLU A 204 -14.10 6.68 -14.31
CA GLU A 204 -12.83 6.10 -13.85
C GLU A 204 -12.38 4.93 -14.73
N ILE A 205 -13.32 4.03 -15.04
CA ILE A 205 -13.08 2.84 -15.82
C ILE A 205 -12.61 3.26 -17.22
N LEU A 206 -13.37 4.16 -17.85
CA LEU A 206 -13.02 4.65 -19.18
C LEU A 206 -11.70 5.42 -19.21
N MET A 207 -11.29 5.98 -18.06
CA MET A 207 -9.99 6.63 -17.91
C MET A 207 -8.83 5.66 -17.51
N HIS A 208 -9.09 4.36 -17.50
CA HIS A 208 -8.10 3.34 -17.09
C HIS A 208 -7.59 3.57 -15.66
N GLY A 209 -8.51 3.95 -14.79
CA GLY A 209 -8.23 4.02 -13.38
C GLY A 209 -7.59 5.30 -12.88
N VAL A 210 -7.72 6.39 -13.64
CA VAL A 210 -7.27 7.69 -13.15
C VAL A 210 -8.39 8.22 -12.26
N LYS A 211 -8.02 8.87 -11.17
CA LYS A 211 -9.00 9.46 -10.25
C LYS A 211 -9.64 10.71 -10.83
N PRO A 212 -10.89 10.99 -10.46
CA PRO A 212 -11.52 12.20 -10.92
C PRO A 212 -10.96 13.44 -10.20
N PHE A 213 -11.02 14.58 -10.86
CA PHE A 213 -10.63 15.87 -10.26
C PHE A 213 -9.22 15.88 -9.70
N GLN A 214 -8.25 15.33 -10.42
CA GLN A 214 -6.88 15.34 -9.89
C GLN A 214 -6.30 16.74 -9.91
N GLY A 215 -5.46 17.02 -8.92
CA GLY A 215 -4.94 18.37 -8.72
C GLY A 215 -5.93 19.33 -8.10
N VAL A 216 -7.17 18.91 -7.85
CA VAL A 216 -8.17 19.76 -7.19
C VAL A 216 -8.31 19.40 -5.71
N LYS A 217 -8.30 20.41 -4.83
CA LYS A 217 -8.60 20.18 -3.40
C LYS A 217 -10.09 19.79 -3.22
N ASN A 218 -10.33 18.87 -2.29
CA ASN A 218 -11.69 18.40 -2.01
C ASN A 218 -12.67 19.55 -1.76
N ASN A 219 -12.24 20.57 -1.01
CA ASN A 219 -13.10 21.74 -0.69
C ASN A 219 -13.60 22.57 -1.88
N ASP A 220 -12.79 22.60 -2.95
CA ASP A 220 -13.14 23.30 -4.19
C ASP A 220 -14.07 22.51 -5.12
N VAL A 221 -14.25 21.20 -4.87
CA VAL A 221 -15.01 20.33 -5.79
C VAL A 221 -16.46 20.78 -5.95
N ILE A 222 -17.15 21.01 -4.84
CA ILE A 222 -18.56 21.42 -4.87
C ILE A 222 -18.79 22.74 -5.62
N GLY A 223 -17.88 23.72 -5.43
CA GLY A 223 -18.00 25.00 -6.15
C GLY A 223 -18.09 24.78 -7.64
N ARG A 224 -17.23 23.89 -8.15
CA ARG A 224 -17.19 23.61 -9.58
C ARG A 224 -18.43 22.84 -10.06
N ILE A 225 -18.95 21.95 -9.24
CA ILE A 225 -20.19 21.23 -9.58
C ILE A 225 -21.35 22.22 -9.67
N GLU A 226 -21.50 23.07 -8.66
CA GLU A 226 -22.54 24.11 -8.62
C GLU A 226 -22.42 25.06 -9.82
N ASN A 227 -21.19 25.30 -10.24
CA ASN A 227 -20.95 26.10 -11.44
C ASN A 227 -21.30 25.37 -12.74
N GLY A 228 -21.72 24.11 -12.65
CA GLY A 228 -22.12 23.33 -13.81
C GLY A 228 -20.98 22.61 -14.52
N GLU A 229 -19.81 22.56 -13.89
CA GLU A 229 -18.67 21.84 -14.47
C GLU A 229 -18.80 20.32 -14.27
N ARG A 230 -18.39 19.54 -15.27
CA ARG A 230 -18.41 18.08 -15.18
C ARG A 230 -17.11 17.50 -15.71
N LEU A 231 -16.78 16.29 -15.27
CA LEU A 231 -15.61 15.57 -15.76
C LEU A 231 -15.75 15.44 -17.29
N PRO A 232 -14.65 15.69 -18.02
CA PRO A 232 -14.76 15.71 -19.48
C PRO A 232 -14.86 14.31 -20.07
N MET A 233 -15.23 14.21 -21.34
CA MET A 233 -15.27 12.95 -22.05
C MET A 233 -13.90 12.26 -22.10
N PRO A 234 -13.76 11.06 -21.53
CA PRO A 234 -12.49 10.36 -21.65
C PRO A 234 -12.09 10.12 -23.11
N PRO A 235 -10.78 10.06 -23.38
CA PRO A 235 -10.36 9.70 -24.73
C PRO A 235 -10.87 8.33 -25.16
N ASN A 236 -11.30 8.22 -26.41
CA ASN A 236 -11.81 6.97 -27.00
C ASN A 236 -13.15 6.49 -26.42
N CYS A 237 -13.81 7.32 -25.61
CA CYS A 237 -15.11 6.99 -25.02
C CYS A 237 -16.23 7.21 -26.04
N PRO A 238 -17.08 6.19 -26.28
CA PRO A 238 -18.17 6.41 -27.25
C PRO A 238 -19.12 7.53 -26.80
N PRO A 239 -19.57 8.40 -27.73
CA PRO A 239 -20.47 9.49 -27.30
C PRO A 239 -21.73 9.02 -26.61
N THR A 240 -22.28 7.89 -27.01
CA THR A 240 -23.45 7.33 -26.31
C THR A 240 -23.15 7.14 -24.80
N LEU A 241 -21.94 6.69 -24.49
CA LEU A 241 -21.54 6.39 -23.10
C LEU A 241 -21.33 7.66 -22.28
N TYR A 242 -20.62 8.64 -22.82
CA TYR A 242 -20.45 9.91 -22.12
C TYR A 242 -21.80 10.59 -21.85
N SER A 243 -22.71 10.52 -22.82
CA SER A 243 -24.06 11.04 -22.66
C SER A 243 -24.76 10.38 -21.45
N LEU A 244 -24.64 9.07 -21.33
CA LEU A 244 -25.16 8.35 -20.16
C LEU A 244 -24.51 8.85 -18.86
N MET A 245 -23.18 9.06 -18.88
CA MET A 245 -22.49 9.61 -17.72
C MET A 245 -23.09 10.97 -17.35
N THR A 246 -23.28 11.83 -18.35
CA THR A 246 -23.78 13.18 -18.10
C THR A 246 -25.20 13.20 -17.49
N LYS A 247 -26.04 12.25 -17.90
CA LYS A 247 -27.37 12.05 -17.30
C LYS A 247 -27.31 11.63 -15.82
N CYS A 248 -26.30 10.82 -15.48
CA CYS A 248 -26.01 10.44 -14.09
C CYS A 248 -25.62 11.65 -13.23
N TRP A 249 -25.07 12.67 -13.87
CA TRP A 249 -24.62 13.86 -13.17
C TRP A 249 -25.60 15.04 -13.30
N ALA A 250 -26.89 14.75 -13.45
CA ALA A 250 -27.88 15.82 -13.38
C ALA A 250 -27.84 16.35 -11.96
N TYR A 251 -27.78 17.66 -11.81
CA TYR A 251 -27.76 18.30 -10.50
C TYR A 251 -28.99 17.91 -9.67
N ASP A 252 -30.16 17.95 -10.30
CA ASP A 252 -31.42 17.57 -9.65
C ASP A 252 -31.47 16.04 -9.63
N PRO A 253 -31.43 15.44 -8.42
CA PRO A 253 -31.41 13.99 -8.30
C PRO A 253 -32.57 13.32 -9.02
N SER A 254 -33.72 13.99 -9.05
CA SER A 254 -34.93 13.44 -9.66
C SER A 254 -34.84 13.32 -11.19
N ARG A 255 -33.85 13.97 -11.81
CA ARG A 255 -33.60 13.81 -13.25
C ARG A 255 -32.59 12.71 -13.60
N ARG A 256 -31.94 12.11 -12.60
CA ARG A 256 -30.99 11.03 -12.87
C ARG A 256 -31.74 9.75 -13.23
N PRO A 257 -31.18 8.95 -14.16
CA PRO A 257 -31.74 7.64 -14.48
C PRO A 257 -31.66 6.68 -13.30
N ARG A 258 -32.46 5.61 -13.33
CA ARG A 258 -32.30 4.54 -12.38
C ARG A 258 -31.44 3.47 -13.03
N PHE A 259 -31.04 2.47 -12.24
CA PHE A 259 -30.12 1.44 -12.73
C PHE A 259 -30.70 0.50 -13.76
N THR A 260 -32.01 0.27 -13.75
CA THR A 260 -32.63 -0.53 -14.83
C THR A 260 -32.40 0.08 -16.23
N GLU A 261 -32.56 1.38 -16.37
CA GLU A 261 -32.28 2.10 -17.62
C GLU A 261 -30.77 2.07 -17.94
N LEU A 262 -29.93 2.32 -16.94
CA LEU A 262 -28.48 2.33 -17.15
C LEU A 262 -28.01 0.98 -17.66
N LYS A 263 -28.51 -0.07 -17.04
CA LYS A 263 -28.18 -1.43 -17.44
C LYS A 263 -28.61 -1.72 -18.87
N ALA A 264 -29.87 -1.40 -19.21
CA ALA A 264 -30.36 -1.57 -20.58
C ALA A 264 -29.50 -0.85 -21.60
N GLN A 265 -29.19 0.41 -21.30
CA GLN A 265 -28.41 1.24 -22.21
C GLN A 265 -26.98 0.76 -22.35
N LEU A 266 -26.36 0.40 -21.23
CA LEU A 266 -25.01 -0.18 -21.26
C LEU A 266 -24.94 -1.48 -22.07
N SER A 267 -25.98 -2.30 -22.00
CA SER A 267 -26.03 -3.51 -22.79
C SER A 267 -26.03 -3.23 -24.29
N THR A 268 -26.88 -2.30 -24.73
CA THR A 268 -26.88 -1.84 -26.11
C THR A 268 -25.53 -1.27 -26.54
N ILE A 269 -24.95 -0.41 -25.70
CA ILE A 269 -23.64 0.18 -26.01
C ILE A 269 -22.56 -0.89 -26.18
N LEU A 270 -22.52 -1.84 -25.25
CA LEU A 270 -21.59 -2.95 -25.31
C LEU A 270 -21.73 -3.71 -26.63
N GLU A 271 -22.96 -3.97 -27.02
CA GLU A 271 -23.20 -4.75 -28.25
C GLU A 271 -22.68 -4.02 -29.49
N GLU A 272 -22.98 -2.72 -29.58
CA GLU A 272 -22.50 -1.88 -30.66
C GLU A 272 -21.00 -1.96 -30.75
N GLU A 273 -20.35 -1.87 -29.59
CA GLU A 273 -18.90 -1.88 -29.51
C GLU A 273 -18.33 -3.23 -29.94
N LYS A 274 -18.97 -4.32 -29.52
CA LYS A 274 -18.56 -5.68 -29.89
C LYS A 274 -18.81 -6.00 -31.36
N LEU A 275 -19.84 -5.42 -31.94
CA LEU A 275 -20.20 -5.68 -33.35
C LEU A 275 -19.18 -5.09 -34.33
N GLN A 276 -18.58 -3.95 -33.97
CA GLN A 276 -17.53 -3.36 -34.79
C GLN A 276 -16.17 -3.47 -34.12
N ASP B 4 20.70 -12.06 28.70
CA ASP B 4 19.54 -11.12 28.53
C ASP B 4 18.74 -11.42 27.25
N TYR B 5 19.43 -11.55 26.11
CA TYR B 5 18.77 -11.77 24.81
C TYR B 5 19.19 -13.08 24.15
N GLU B 6 19.91 -13.94 24.87
CA GLU B 6 20.29 -15.23 24.33
C GLU B 6 19.05 -16.12 24.20
N ILE B 7 18.95 -16.86 23.10
CA ILE B 7 17.89 -17.84 22.90
C ILE B 7 18.54 -19.19 22.61
N GLN B 8 17.85 -20.27 22.98
CA GLN B 8 18.30 -21.64 22.67
C GLN B 8 17.87 -22.03 21.27
N ARG B 9 18.77 -22.66 20.53
CA ARG B 9 18.51 -22.99 19.14
C ARG B 9 17.28 -23.88 18.96
N GLU B 10 17.00 -24.72 19.95
CA GLU B 10 15.85 -25.66 19.91
C GLU B 10 14.54 -24.93 19.77
N ARG B 11 14.47 -23.73 20.36
CA ARG B 11 13.25 -22.94 20.39
C ARG B 11 12.98 -22.22 19.07
N ILE B 12 13.96 -22.26 18.17
CA ILE B 12 13.79 -21.70 16.84
C ILE B 12 13.58 -22.82 15.82
N GLU B 13 12.52 -22.69 15.03
CA GLU B 13 12.31 -23.54 13.88
C GLU B 13 12.63 -22.76 12.60
N LEU B 14 13.78 -23.07 12.00
CA LEU B 14 14.26 -22.40 10.79
C LEU B 14 13.41 -22.76 9.58
N GLY B 15 12.75 -21.77 8.97
CA GLY B 15 11.92 -21.95 7.76
C GLY B 15 12.66 -21.59 6.48
N ARG B 16 11.92 -21.13 5.46
CA ARG B 16 12.50 -20.85 4.14
C ARG B 16 13.49 -19.67 4.13
N CYS B 17 14.49 -19.76 3.26
CA CYS B 17 15.45 -18.68 3.02
C CYS B 17 14.73 -17.59 2.24
N ILE B 18 14.76 -16.37 2.77
CA ILE B 18 14.12 -15.23 2.09
C ILE B 18 15.15 -14.22 1.54
N GLY B 19 16.43 -14.52 1.69
CA GLY B 19 17.49 -13.66 1.14
C GLY B 19 18.86 -14.25 1.36
N GLU B 20 19.60 -14.44 0.27
CA GLU B 20 20.94 -15.00 0.36
C GLU B 20 21.97 -13.87 0.39
N GLY B 21 23.11 -14.12 1.04
CA GLY B 21 24.16 -13.12 1.13
C GLY B 21 25.55 -13.74 1.12
N GLN B 22 26.56 -12.89 0.93
CA GLN B 22 27.96 -13.35 0.89
C GLN B 22 28.33 -14.09 2.18
N PHE B 23 28.23 -13.41 3.32
CA PHE B 23 28.71 -13.98 4.60
C PHE B 23 27.61 -14.64 5.43
N GLY B 24 26.36 -14.48 5.01
CA GLY B 24 25.24 -15.11 5.68
C GLY B 24 23.94 -14.90 4.93
N ASP B 25 22.87 -15.60 5.34
CA ASP B 25 21.57 -15.53 4.68
C ASP B 25 20.45 -15.16 5.65
N VAL B 26 19.29 -14.79 5.09
CA VAL B 26 18.11 -14.45 5.88
C VAL B 26 17.03 -15.49 5.63
N HIS B 27 16.48 -16.04 6.71
CA HIS B 27 15.37 -16.99 6.63
C HIS B 27 14.18 -16.45 7.42
N GLN B 28 13.01 -16.99 7.13
CA GLN B 28 11.85 -16.78 7.96
C GLN B 28 11.77 -18.03 8.84
N GLY B 29 11.08 -17.96 9.97
CA GLY B 29 10.98 -19.11 10.88
C GLY B 29 10.02 -18.90 12.03
N ILE B 30 10.13 -19.74 13.06
CA ILE B 30 9.20 -19.66 14.21
C ILE B 30 9.94 -19.74 15.54
N TYR B 31 9.62 -18.82 16.44
CA TYR B 31 10.21 -18.80 17.78
C TYR B 31 9.17 -19.23 18.82
N MET B 32 9.48 -20.31 19.55
CA MET B 32 8.60 -20.86 20.56
C MET B 32 9.01 -20.37 21.95
N SER B 33 8.42 -19.27 22.38
CA SER B 33 8.76 -18.68 23.69
C SER B 33 8.11 -19.48 24.82
N PRO B 34 8.66 -19.38 26.04
CA PRO B 34 7.88 -19.72 27.23
C PRO B 34 6.76 -18.70 27.42
N GLU B 35 5.67 -19.12 28.06
CA GLU B 35 4.46 -18.30 28.21
C GLU B 35 3.87 -17.90 26.86
N ASN B 36 4.60 -17.07 26.11
CA ASN B 36 4.11 -16.53 24.84
C ASN B 36 4.05 -17.60 23.78
N PRO B 37 2.99 -17.58 22.93
CA PRO B 37 2.78 -18.64 21.96
C PRO B 37 3.78 -18.55 20.81
N ALA B 38 3.64 -19.44 19.83
CA ALA B 38 4.49 -19.41 18.63
C ALA B 38 4.52 -18.01 18.02
N MET B 39 5.71 -17.59 17.58
CA MET B 39 5.91 -16.26 17.03
C MET B 39 6.68 -16.38 15.71
N ALA B 40 6.18 -15.71 14.68
CA ALA B 40 6.88 -15.63 13.41
C ALA B 40 8.06 -14.68 13.59
N VAL B 41 9.20 -15.03 13.01
CA VAL B 41 10.41 -14.23 13.15
C VAL B 41 11.23 -14.26 11.87
N ALA B 42 12.13 -13.29 11.74
CA ALA B 42 13.20 -13.31 10.75
C ALA B 42 14.46 -13.83 11.42
N ILE B 43 15.25 -14.60 10.66
CA ILE B 43 16.49 -15.17 11.18
C ILE B 43 17.65 -14.89 10.22
N LYS B 44 18.63 -14.14 10.69
CA LYS B 44 19.86 -13.95 9.93
C LYS B 44 20.90 -14.95 10.40
N THR B 45 21.42 -15.75 9.46
CA THR B 45 22.36 -16.81 9.80
C THR B 45 23.76 -16.45 9.30
N CYS B 46 24.77 -16.76 10.10
CA CYS B 46 26.17 -16.56 9.71
C CYS B 46 26.71 -17.90 9.20
N LYS B 47 27.34 -17.90 8.04
CA LYS B 47 27.91 -19.14 7.47
C LYS B 47 29.10 -19.65 8.28
N ASN B 48 29.28 -20.98 8.31
CA ASN B 48 30.37 -21.61 9.09
C ASN B 48 31.78 -21.12 8.72
N CYS B 49 31.96 -20.79 7.45
CA CYS B 49 33.27 -20.41 6.90
C CYS B 49 33.55 -18.91 7.02
N THR B 50 32.59 -18.17 7.58
CA THR B 50 32.74 -16.74 7.83
C THR B 50 33.78 -16.48 8.95
N SER B 51 34.61 -15.46 8.73
CA SER B 51 35.69 -15.11 9.65
C SER B 51 35.16 -14.60 10.99
N ASP B 52 36.01 -14.70 12.01
CA ASP B 52 35.67 -14.16 13.33
C ASP B 52 35.32 -12.67 13.23
N SER B 53 36.02 -11.96 12.34
CA SER B 53 35.80 -10.53 12.18
C SER B 53 34.38 -10.24 11.64
N VAL B 54 33.97 -10.96 10.60
CA VAL B 54 32.63 -10.76 10.07
C VAL B 54 31.59 -11.29 11.06
N ARG B 55 31.85 -12.45 11.66
CA ARG B 55 30.99 -12.97 12.71
C ARG B 55 30.68 -11.89 13.78
N GLU B 56 31.70 -11.15 14.18
CA GLU B 56 31.56 -10.10 15.18
C GLU B 56 30.59 -9.03 14.72
N LYS B 57 30.61 -8.74 13.42
CA LYS B 57 29.71 -7.75 12.84
C LYS B 57 28.25 -8.17 13.03
N PHE B 58 27.98 -9.48 12.99
CA PHE B 58 26.64 -10.01 13.25
C PHE B 58 26.21 -9.76 14.67
N LEU B 59 27.11 -10.04 15.61
CA LEU B 59 26.82 -9.86 17.02
C LEU B 59 26.64 -8.38 17.33
N GLN B 60 27.45 -7.53 16.71
CA GLN B 60 27.31 -6.09 16.83
C GLN B 60 25.98 -5.55 16.25
N GLU B 61 25.49 -6.15 15.17
CA GLU B 61 24.21 -5.73 14.62
C GLU B 61 23.08 -5.92 15.64
N ALA B 62 23.09 -7.08 16.30
CA ALA B 62 22.15 -7.40 17.38
C ALA B 62 22.32 -6.50 18.58
N LEU B 63 23.56 -6.32 19.03
CA LEU B 63 23.85 -5.40 20.12
C LEU B 63 23.30 -3.99 19.82
N THR B 64 23.49 -3.51 18.58
CA THR B 64 23.01 -2.19 18.18
C THR B 64 21.47 -2.09 18.18
N MET B 65 20.79 -3.05 17.54
CA MET B 65 19.33 -3.03 17.46
C MET B 65 18.68 -3.15 18.84
N ARG B 66 19.33 -3.90 19.73
CA ARG B 66 18.97 -4.05 21.16
C ARG B 66 18.78 -2.72 21.87
N GLN B 67 19.58 -1.73 21.52
CA GLN B 67 19.52 -0.41 22.17
C GLN B 67 18.26 0.38 21.81
N PHE B 68 17.51 -0.06 20.80
CA PHE B 68 16.44 0.78 20.25
C PHE B 68 15.04 0.21 20.47
N ASP B 69 14.09 1.11 20.67
CA ASP B 69 12.68 0.81 20.94
C ASP B 69 11.83 1.85 20.21
N HIS B 70 11.44 1.54 18.99
CA HIS B 70 10.69 2.47 18.17
C HIS B 70 9.77 1.78 17.17
N PRO B 71 8.54 2.31 16.96
CA PRO B 71 7.58 1.59 16.11
C PRO B 71 8.02 1.37 14.67
N HIS B 72 9.00 2.15 14.20
CA HIS B 72 9.47 2.04 12.81
C HIS B 72 10.92 1.63 12.71
N ILE B 73 11.38 0.89 13.74
CA ILE B 73 12.64 0.18 13.72
C ILE B 73 12.40 -1.30 14.07
N VAL B 74 12.96 -2.19 13.24
CA VAL B 74 12.90 -3.64 13.47
C VAL B 74 13.43 -3.99 14.86
N LYS B 75 12.65 -4.79 15.61
CA LYS B 75 13.05 -5.25 16.95
C LYS B 75 13.98 -6.45 16.95
N LEU B 76 14.99 -6.44 17.83
CA LEU B 76 15.76 -7.63 18.11
C LEU B 76 14.94 -8.51 19.06
N ILE B 77 14.87 -9.80 18.75
CA ILE B 77 14.21 -10.76 19.62
C ILE B 77 15.26 -11.51 20.42
N GLY B 78 16.29 -11.99 19.73
CA GLY B 78 17.40 -12.59 20.44
C GLY B 78 18.54 -13.01 19.52
N VAL B 79 19.54 -13.63 20.14
CA VAL B 79 20.73 -14.09 19.44
C VAL B 79 21.09 -15.49 19.90
N ILE B 80 21.66 -16.26 18.97
CA ILE B 80 22.29 -17.52 19.30
C ILE B 80 23.77 -17.31 19.04
N THR B 81 24.56 -17.24 20.12
CA THR B 81 25.99 -16.91 20.02
C THR B 81 26.84 -18.14 19.77
N GLU B 82 26.29 -19.33 20.04
CA GLU B 82 26.95 -20.58 19.69
C GLU B 82 27.01 -20.70 18.18
N ASN B 83 28.17 -21.10 17.65
CA ASN B 83 28.33 -21.21 16.21
C ASN B 83 27.48 -22.35 15.66
N PRO B 84 26.77 -22.12 14.53
CA PRO B 84 26.72 -20.90 13.71
C PRO B 84 25.80 -19.83 14.31
N VAL B 85 26.27 -18.58 14.32
CA VAL B 85 25.50 -17.48 14.91
C VAL B 85 24.22 -17.20 14.12
N TRP B 86 23.10 -17.10 14.84
CA TRP B 86 21.80 -16.71 14.29
C TRP B 86 21.29 -15.47 15.02
N ILE B 87 20.82 -14.48 14.26
CA ILE B 87 20.21 -13.29 14.87
C ILE B 87 18.71 -13.32 14.59
N ILE B 88 17.93 -13.26 15.67
CA ILE B 88 16.46 -13.43 15.61
C ILE B 88 15.80 -12.07 15.75
N MET B 89 15.01 -11.69 14.74
CA MET B 89 14.38 -10.37 14.70
C MET B 89 12.91 -10.49 14.35
N GLU B 90 12.19 -9.41 14.64
CA GLU B 90 10.79 -9.23 14.21
C GLU B 90 10.68 -9.54 12.72
N LEU B 91 9.61 -10.20 12.30
CA LEU B 91 9.38 -10.48 10.88
C LEU B 91 8.51 -9.40 10.24
N CYS B 92 8.98 -8.84 9.12
CA CYS B 92 8.24 -7.82 8.38
C CYS B 92 7.70 -8.51 7.13
N THR B 93 6.43 -8.91 7.21
CA THR B 93 5.83 -9.89 6.31
C THR B 93 5.74 -9.51 4.83
N LEU B 94 5.68 -8.20 4.54
CA LEU B 94 5.58 -7.76 3.15
C LEU B 94 6.97 -7.66 2.53
N GLY B 95 8.00 -7.89 3.34
CA GLY B 95 9.37 -7.97 2.85
C GLY B 95 10.05 -6.65 2.48
N GLU B 96 10.95 -6.73 1.49
CA GLU B 96 11.80 -5.59 1.18
C GLU B 96 11.02 -4.46 0.52
N LEU B 97 11.33 -3.23 0.93
CA LEU B 97 10.66 -2.03 0.42
C LEU B 97 10.83 -1.84 -1.09
N ARG B 98 12.04 -2.02 -1.61
CA ARG B 98 12.24 -1.80 -3.08
C ARG B 98 11.38 -2.72 -3.92
N SER B 99 11.40 -4.00 -3.59
CA SER B 99 10.59 -4.97 -4.32
C SER B 99 9.10 -4.63 -4.17
N PHE B 100 8.72 -4.27 -2.95
CA PHE B 100 7.35 -3.90 -2.64
C PHE B 100 6.85 -2.72 -3.47
N LEU B 101 7.68 -1.68 -3.58
CA LEU B 101 7.35 -0.51 -4.42
C LEU B 101 7.27 -0.81 -5.93
N GLN B 102 8.16 -1.66 -6.42
CA GLN B 102 8.21 -1.97 -7.85
C GLN B 102 7.02 -2.81 -8.21
N VAL B 103 6.82 -3.89 -7.47
CA VAL B 103 5.74 -4.85 -7.73
C VAL B 103 4.36 -4.23 -7.58
N ARG B 104 4.17 -3.40 -6.55
CA ARG B 104 2.87 -2.78 -6.28
C ARG B 104 2.88 -1.32 -6.70
N LYS B 105 3.59 -0.99 -7.76
CA LYS B 105 3.68 0.40 -8.23
C LYS B 105 2.31 1.03 -8.38
N PHE B 106 1.46 0.40 -9.18
CA PHE B 106 0.17 0.99 -9.56
C PHE B 106 -0.92 0.90 -8.49
N SER B 107 -0.67 0.16 -7.41
CA SER B 107 -1.58 0.19 -6.26
C SER B 107 -1.14 1.15 -5.13
N LEU B 108 0.07 1.72 -5.24
CA LEU B 108 0.57 2.66 -4.22
C LEU B 108 0.54 4.10 -4.72
N ASP B 109 -0.46 4.82 -4.24
CA ASP B 109 -0.64 6.24 -4.49
C ASP B 109 0.33 7.11 -3.69
N LEU B 110 0.32 8.39 -4.01
CA LEU B 110 1.22 9.36 -3.39
C LEU B 110 1.14 9.46 -1.86
N ALA B 111 -0.06 9.43 -1.30
CA ALA B 111 -0.19 9.51 0.17
C ALA B 111 0.59 8.38 0.89
N SER B 112 0.59 7.18 0.33
CA SER B 112 1.38 6.08 0.87
C SER B 112 2.89 6.32 0.77
N LEU B 113 3.35 6.86 -0.36
CA LEU B 113 4.77 7.07 -0.57
C LEU B 113 5.26 8.15 0.43
N ILE B 114 4.45 9.19 0.61
CA ILE B 114 4.78 10.22 1.57
C ILE B 114 4.70 9.65 2.99
N LEU B 115 3.69 8.81 3.26
CA LEU B 115 3.60 8.20 4.58
C LEU B 115 4.90 7.45 4.90
N TYR B 116 5.42 6.67 3.95
CA TYR B 116 6.63 5.91 4.22
C TYR B 116 7.82 6.82 4.51
N ALA B 117 7.93 7.91 3.78
CA ALA B 117 9.01 8.87 4.03
C ALA B 117 8.86 9.49 5.43
N TYR B 118 7.63 9.85 5.79
CA TYR B 118 7.35 10.36 7.11
C TYR B 118 7.74 9.35 8.19
N GLN B 119 7.31 8.09 8.03
CA GLN B 119 7.57 7.09 9.07
C GLN B 119 9.05 6.87 9.26
N LEU B 120 9.78 6.78 8.17
CA LEU B 120 11.24 6.67 8.24
C LEU B 120 11.86 7.88 8.89
N SER B 121 11.32 9.07 8.64
CA SER B 121 11.85 10.26 9.32
C SER B 121 11.63 10.18 10.85
N THR B 122 10.55 9.57 11.30
CA THR B 122 10.33 9.45 12.74
C THR B 122 11.33 8.47 13.34
N ALA B 123 11.66 7.41 12.59
CA ALA B 123 12.67 6.47 13.03
C ALA B 123 14.03 7.13 13.08
N LEU B 124 14.29 7.96 12.08
CA LEU B 124 15.59 8.63 11.99
C LEU B 124 15.74 9.76 13.00
N ALA B 125 14.66 10.48 13.28
CA ALA B 125 14.68 11.44 14.37
C ALA B 125 14.95 10.76 15.70
N TYR B 126 14.39 9.57 15.89
CA TYR B 126 14.62 8.81 17.12
C TYR B 126 16.10 8.39 17.23
N LEU B 127 16.65 7.88 16.14
CA LEU B 127 18.07 7.50 16.19
C LEU B 127 18.93 8.73 16.44
N GLU B 128 18.55 9.84 15.83
CA GLU B 128 19.23 11.11 16.05
C GLU B 128 19.15 11.49 17.51
N SER B 129 17.98 11.28 18.11
CA SER B 129 17.80 11.54 19.55
C SER B 129 18.74 10.71 20.43
N LYS B 130 19.23 9.57 19.91
CA LYS B 130 20.16 8.71 20.65
C LYS B 130 21.62 8.98 20.25
N ARG B 131 21.86 9.96 19.38
CA ARG B 131 23.20 10.23 18.85
C ARG B 131 23.80 9.02 18.13
N PHE B 132 22.92 8.27 17.45
CA PHE B 132 23.33 7.15 16.61
C PHE B 132 23.38 7.56 15.14
N VAL B 133 24.52 7.32 14.50
CA VAL B 133 24.71 7.60 13.08
C VAL B 133 24.64 6.29 12.34
N HIS B 134 23.72 6.21 11.37
CA HIS B 134 23.40 4.96 10.70
C HIS B 134 24.38 4.56 9.59
N ARG B 135 24.73 5.50 8.72
CA ARG B 135 25.70 5.31 7.62
C ARG B 135 25.24 4.63 6.33
N ASP B 136 24.05 4.07 6.32
CA ASP B 136 23.57 3.36 5.11
C ASP B 136 22.06 3.48 4.98
N ILE B 137 21.56 4.71 4.96
CA ILE B 137 20.15 4.92 4.78
C ILE B 137 19.82 4.78 3.29
N ALA B 138 19.00 3.79 2.97
CA ALA B 138 18.64 3.50 1.58
C ALA B 138 17.40 2.62 1.59
N ALA B 139 16.63 2.62 0.50
CA ALA B 139 15.39 1.82 0.44
C ALA B 139 15.66 0.31 0.65
N ARG B 140 16.83 -0.18 0.19
CA ARG B 140 17.22 -1.60 0.37
C ARG B 140 17.26 -2.02 1.84
N ASN B 141 17.40 -1.07 2.76
CA ASN B 141 17.48 -1.35 4.18
C ASN B 141 16.17 -1.08 4.95
N VAL B 142 15.09 -0.87 4.22
CA VAL B 142 13.76 -0.66 4.80
C VAL B 142 12.92 -1.87 4.46
N LEU B 143 12.12 -2.32 5.43
CA LEU B 143 11.21 -3.45 5.24
C LEU B 143 9.79 -2.97 5.44
N VAL B 144 8.84 -3.81 5.09
CA VAL B 144 7.43 -3.46 5.11
C VAL B 144 6.67 -4.45 6.01
N SER B 145 6.09 -3.93 7.09
CA SER B 145 5.39 -4.73 8.08
C SER B 145 3.93 -4.76 7.76
N ALA B 146 3.49 -3.75 7.03
CA ALA B 146 2.11 -3.68 6.54
C ALA B 146 2.06 -2.63 5.44
N THR B 147 0.97 -2.55 4.69
CA THR B 147 0.88 -1.56 3.59
C THR B 147 0.95 -0.11 4.07
N ASP B 148 0.63 0.12 5.34
CA ASP B 148 0.79 1.42 5.98
C ASP B 148 1.87 1.43 7.08
N CYS B 149 2.91 0.60 6.94
CA CYS B 149 3.96 0.54 7.99
C CYS B 149 5.28 0.00 7.47
N VAL B 150 6.30 0.86 7.47
CA VAL B 150 7.67 0.48 7.11
C VAL B 150 8.56 0.65 8.33
N LYS B 151 9.65 -0.14 8.32
CA LYS B 151 10.60 -0.17 9.42
C LYS B 151 11.99 -0.25 8.85
N LEU B 152 12.87 0.54 9.44
CA LEU B 152 14.29 0.48 9.18
C LEU B 152 14.77 -0.86 9.72
N GLY B 153 15.39 -1.66 8.85
CA GLY B 153 15.64 -3.07 9.16
C GLY B 153 17.08 -3.52 9.37
N ASP B 154 18.03 -2.68 8.96
CA ASP B 154 19.46 -3.07 8.95
C ASP B 154 20.32 -1.98 9.56
N PHE B 155 21.34 -2.37 10.33
CA PHE B 155 22.26 -1.41 10.94
C PHE B 155 23.72 -1.63 10.55
N GLY B 156 23.95 -1.93 9.27
CA GLY B 156 25.31 -2.04 8.72
C GLY B 156 25.62 -3.42 8.22
N LEU B 157 24.97 -4.40 8.85
CA LEU B 157 25.19 -5.84 8.55
C LEU B 157 24.87 -6.25 7.11
N SER B 158 23.91 -5.57 6.47
CA SER B 158 23.55 -5.87 5.06
C SER B 158 24.72 -5.62 4.09
N ARG B 159 25.72 -4.85 4.53
CA ARG B 159 26.95 -4.70 3.76
C ARG B 159 27.64 -6.07 3.58
N TYR B 160 27.37 -7.00 4.50
CA TYR B 160 27.95 -8.36 4.48
C TYR B 160 26.99 -9.48 3.98
N MET B 161 25.70 -9.17 3.88
CA MET B 161 24.72 -10.13 3.37
C MET B 161 24.77 -10.12 1.85
N LEU B 174 30.24 -0.66 -0.92
CA LEU B 174 30.20 0.74 -0.55
C LEU B 174 29.07 1.45 -1.35
N PRO B 175 28.10 2.07 -0.65
CA PRO B 175 26.94 2.67 -1.30
C PRO B 175 27.18 4.11 -1.80
N ILE B 176 28.09 4.26 -2.75
CA ILE B 176 28.54 5.59 -3.19
C ILE B 176 27.39 6.48 -3.65
N LYS B 177 26.45 5.88 -4.37
CA LYS B 177 25.37 6.63 -4.96
C LYS B 177 24.40 7.20 -3.94
N TRP B 178 24.50 6.75 -2.68
CA TRP B 178 23.67 7.22 -1.58
C TRP B 178 24.39 8.20 -0.66
N MET B 179 25.71 8.31 -0.81
CA MET B 179 26.56 8.91 0.21
C MET B 179 26.77 10.41 0.05
N ALA B 180 26.92 11.07 1.17
CA ALA B 180 27.16 12.51 1.19
C ALA B 180 28.57 12.75 0.61
N PRO B 181 28.82 13.95 0.07
CA PRO B 181 30.16 14.22 -0.49
C PRO B 181 31.31 14.08 0.50
N GLU B 182 31.08 14.39 1.77
CA GLU B 182 32.12 14.23 2.76
C GLU B 182 32.39 12.77 3.10
N SER B 183 31.39 11.90 2.90
CA SER B 183 31.55 10.48 3.17
C SER B 183 32.34 9.84 2.03
N ILE B 184 32.07 10.27 0.79
CA ILE B 184 32.86 9.81 -0.36
C ILE B 184 34.29 10.35 -0.28
N ASN B 185 34.41 11.65 -0.03
CA ASN B 185 35.70 12.33 -0.03
C ASN B 185 36.60 11.95 1.14
N PHE B 186 36.03 11.76 2.32
CA PHE B 186 36.85 11.56 3.54
C PHE B 186 36.46 10.38 4.42
N ARG B 187 35.46 9.59 4.01
CA ARG B 187 34.92 8.52 4.86
C ARG B 187 34.39 9.09 6.19
N ARG B 188 33.93 10.33 6.14
CA ARG B 188 33.36 11.02 7.30
C ARG B 188 31.84 10.78 7.34
N PHE B 189 31.36 10.16 8.42
CA PHE B 189 29.91 9.92 8.62
C PHE B 189 29.40 10.59 9.89
N THR B 190 28.32 11.37 9.76
CA THR B 190 27.75 12.15 10.87
C THR B 190 26.25 12.15 10.74
N SER B 191 25.57 12.78 11.70
CA SER B 191 24.11 12.92 11.61
C SER B 191 23.77 13.67 10.33
N ALA B 192 24.59 14.63 9.95
CA ALA B 192 24.37 15.35 8.69
C ALA B 192 24.47 14.46 7.44
N SER B 193 25.45 13.57 7.41
CA SER B 193 25.59 12.67 6.25
C SER B 193 24.37 11.74 6.14
N ASP B 194 23.81 11.35 7.29
CA ASP B 194 22.60 10.53 7.30
C ASP B 194 21.42 11.23 6.64
N VAL B 195 21.31 12.53 6.86
CA VAL B 195 20.28 13.37 6.26
C VAL B 195 20.43 13.34 4.73
N TRP B 196 21.65 13.45 4.25
CA TRP B 196 21.88 13.36 2.82
C TRP B 196 21.34 12.03 2.26
N MET B 197 21.72 10.93 2.91
CA MET B 197 21.28 9.60 2.45
C MET B 197 19.77 9.44 2.52
N PHE B 198 19.16 10.05 3.52
CA PHE B 198 17.70 10.02 3.66
C PHE B 198 17.04 10.76 2.51
N GLY B 199 17.59 11.88 2.06
CA GLY B 199 17.12 12.55 0.84
C GLY B 199 17.10 11.62 -0.36
N VAL B 200 18.16 10.82 -0.52
CA VAL B 200 18.25 9.83 -1.60
C VAL B 200 17.17 8.77 -1.39
N CYS B 201 17.04 8.29 -0.15
CA CYS B 201 16.01 7.29 0.17
C CYS B 201 14.61 7.82 -0.17
N MET B 202 14.32 9.08 0.14
CA MET B 202 13.03 9.68 -0.21
C MET B 202 12.84 9.67 -1.72
N TRP B 203 13.89 10.01 -2.45
CA TRP B 203 13.85 10.00 -3.91
C TRP B 203 13.49 8.60 -4.40
N GLU B 204 14.13 7.57 -3.85
CA GLU B 204 13.88 6.17 -4.25
C GLU B 204 12.44 5.77 -4.04
N ILE B 205 11.87 6.21 -2.92
CA ILE B 205 10.48 5.89 -2.59
C ILE B 205 9.53 6.52 -3.60
N LEU B 206 9.75 7.80 -3.90
CA LEU B 206 8.88 8.55 -4.81
C LEU B 206 9.11 8.11 -6.26
N MET B 207 10.22 7.42 -6.52
CA MET B 207 10.50 6.81 -7.80
C MET B 207 10.06 5.35 -7.87
N HIS B 208 9.30 4.89 -6.87
CA HIS B 208 8.80 3.51 -6.79
C HIS B 208 9.89 2.45 -6.86
N GLY B 209 11.01 2.70 -6.19
CA GLY B 209 12.06 1.70 -6.04
C GLY B 209 13.10 1.67 -7.15
N VAL B 210 13.16 2.72 -7.96
CA VAL B 210 14.26 2.87 -8.91
C VAL B 210 15.51 3.30 -8.14
N LYS B 211 16.64 2.66 -8.42
CA LYS B 211 17.91 3.07 -7.83
C LYS B 211 18.33 4.45 -8.36
N PRO B 212 19.05 5.23 -7.54
CA PRO B 212 19.62 6.50 -7.99
C PRO B 212 20.80 6.24 -8.94
N PHE B 213 21.05 7.20 -9.83
CA PHE B 213 22.20 7.15 -10.73
C PHE B 213 22.32 5.85 -11.51
N GLN B 214 21.20 5.37 -12.05
CA GLN B 214 21.21 4.10 -12.76
C GLN B 214 22.02 4.27 -14.03
N GLY B 215 22.85 3.26 -14.33
CA GLY B 215 23.75 3.30 -15.47
C GLY B 215 24.87 4.33 -15.38
N VAL B 216 25.17 4.80 -14.16
CA VAL B 216 26.27 5.74 -13.93
C VAL B 216 27.32 5.00 -13.12
N LYS B 217 28.60 5.31 -13.36
CA LYS B 217 29.67 4.68 -12.60
C LYS B 217 29.80 5.34 -11.23
N ASN B 218 30.11 4.52 -10.23
CA ASN B 218 30.34 5.03 -8.89
C ASN B 218 31.37 6.15 -8.87
N ASN B 219 32.44 6.01 -9.67
CA ASN B 219 33.53 7.00 -9.69
C ASN B 219 33.12 8.37 -10.21
N ASP B 220 32.09 8.38 -11.05
CA ASP B 220 31.62 9.62 -11.66
C ASP B 220 30.63 10.38 -10.78
N VAL B 221 30.18 9.78 -9.68
CA VAL B 221 29.11 10.35 -8.86
C VAL B 221 29.57 11.65 -8.19
N ILE B 222 30.70 11.59 -7.49
CA ILE B 222 31.23 12.76 -6.78
C ILE B 222 31.47 13.94 -7.73
N GLY B 223 31.90 13.65 -8.95
CA GLY B 223 32.13 14.69 -9.95
C GLY B 223 30.84 15.46 -10.20
N ARG B 224 29.75 14.72 -10.38
CA ARG B 224 28.44 15.34 -10.61
C ARG B 224 27.98 16.16 -9.40
N ILE B 225 28.17 15.63 -8.19
CA ILE B 225 27.78 16.32 -6.96
C ILE B 225 28.55 17.63 -6.81
N GLU B 226 29.86 17.54 -7.01
CA GLU B 226 30.77 18.70 -6.94
C GLU B 226 30.39 19.76 -7.98
N ASN B 227 29.88 19.30 -9.13
CA ASN B 227 29.41 20.20 -10.17
C ASN B 227 28.03 20.81 -9.89
N GLY B 228 27.41 20.43 -8.78
CA GLY B 228 26.10 20.95 -8.37
C GLY B 228 24.91 20.17 -8.90
N GLU B 229 25.18 19.04 -9.56
CA GLU B 229 24.11 18.22 -10.13
C GLU B 229 23.40 17.43 -9.04
N ARG B 230 22.10 17.20 -9.21
CA ARG B 230 21.32 16.50 -8.20
C ARG B 230 20.30 15.62 -8.86
N LEU B 231 19.86 14.59 -8.14
CA LEU B 231 18.81 13.72 -8.64
C LEU B 231 17.57 14.57 -8.97
N PRO B 232 16.92 14.30 -10.13
CA PRO B 232 15.80 15.15 -10.55
C PRO B 232 14.50 14.85 -9.80
N MET B 233 13.57 15.80 -9.84
CA MET B 233 12.26 15.63 -9.21
C MET B 233 11.48 14.46 -9.81
N PRO B 234 11.18 13.44 -8.98
CA PRO B 234 10.40 12.31 -9.49
C PRO B 234 9.05 12.77 -10.07
N PRO B 235 8.53 12.05 -11.08
CA PRO B 235 7.21 12.40 -11.60
C PRO B 235 6.18 12.36 -10.49
N ASN B 236 5.31 13.36 -10.46
CA ASN B 236 4.21 13.46 -9.49
C ASN B 236 4.67 13.68 -8.05
N CYS B 237 5.94 14.00 -7.86
CA CYS B 237 6.44 14.36 -6.55
C CYS B 237 6.08 15.83 -6.29
N PRO B 238 5.39 16.12 -5.17
CA PRO B 238 5.07 17.50 -4.88
C PRO B 238 6.36 18.35 -4.86
N PRO B 239 6.33 19.54 -5.48
CA PRO B 239 7.51 20.44 -5.39
C PRO B 239 8.00 20.70 -3.96
N THR B 240 7.08 20.86 -3.02
CA THR B 240 7.46 21.04 -1.62
C THR B 240 8.27 19.85 -1.10
N LEU B 241 7.94 18.64 -1.53
CA LEU B 241 8.69 17.46 -1.09
C LEU B 241 10.05 17.39 -1.78
N TYR B 242 10.11 17.76 -3.06
CA TYR B 242 11.39 17.82 -3.75
C TYR B 242 12.31 18.90 -3.16
N SER B 243 11.75 20.04 -2.79
CA SER B 243 12.50 21.08 -2.13
C SER B 243 13.15 20.57 -0.83
N LEU B 244 12.42 19.70 -0.12
CA LEU B 244 12.94 19.04 1.08
C LEU B 244 14.15 18.14 0.74
N MET B 245 14.03 17.32 -0.31
CA MET B 245 15.15 16.51 -0.81
C MET B 245 16.39 17.36 -1.11
N THR B 246 16.17 18.44 -1.84
CA THR B 246 17.21 19.44 -2.18
C THR B 246 17.94 20.02 -0.99
N LYS B 247 17.20 20.28 0.08
CA LYS B 247 17.81 20.73 1.34
C LYS B 247 18.70 19.68 2.00
N CYS B 248 18.28 18.41 1.88
CA CYS B 248 19.02 17.29 2.41
C CYS B 248 20.38 17.21 1.70
N TRP B 249 20.42 17.66 0.44
CA TRP B 249 21.60 17.54 -0.43
C TRP B 249 22.39 18.84 -0.52
N ALA B 250 22.37 19.64 0.54
CA ALA B 250 23.30 20.77 0.63
C ALA B 250 24.72 20.21 0.73
N TYR B 251 25.61 20.74 -0.11
CA TYR B 251 26.99 20.30 -0.08
C TYR B 251 27.56 20.52 1.31
N ASP B 252 27.26 21.68 1.90
CA ASP B 252 27.76 22.01 3.23
C ASP B 252 26.90 21.29 4.29
N PRO B 253 27.48 20.32 5.03
CA PRO B 253 26.69 19.53 5.99
C PRO B 253 25.96 20.39 7.02
N SER B 254 26.58 21.50 7.44
CA SER B 254 26.00 22.39 8.44
C SER B 254 24.74 23.09 7.95
N ARG B 255 24.49 23.07 6.65
CA ARG B 255 23.27 23.68 6.12
C ARG B 255 22.11 22.68 5.95
N ARG B 256 22.38 21.40 6.20
CA ARG B 256 21.32 20.39 6.08
C ARG B 256 20.39 20.45 7.30
N PRO B 257 19.09 20.17 7.09
CA PRO B 257 18.23 20.13 8.24
C PRO B 257 18.54 18.94 9.13
N ARG B 258 18.02 18.97 10.35
CA ARG B 258 18.03 17.80 11.19
C ARG B 258 16.69 17.10 11.00
N PHE B 259 16.60 15.90 11.57
CA PHE B 259 15.45 15.01 11.32
C PHE B 259 14.20 15.50 12.03
N THR B 260 14.33 16.20 13.15
CA THR B 260 13.13 16.79 13.78
C THR B 260 12.34 17.70 12.79
N GLU B 261 13.10 18.56 12.10
CA GLU B 261 12.53 19.50 11.14
C GLU B 261 11.97 18.74 9.94
N LEU B 262 12.73 17.77 9.42
CA LEU B 262 12.25 16.98 8.30
C LEU B 262 10.92 16.26 8.64
N LYS B 263 10.88 15.62 9.79
CA LYS B 263 9.66 14.99 10.31
C LYS B 263 8.46 15.95 10.35
N ALA B 264 8.64 17.15 10.92
CA ALA B 264 7.59 18.16 11.01
C ALA B 264 7.18 18.59 9.61
N GLN B 265 8.14 18.77 8.73
CA GLN B 265 7.82 19.19 7.38
C GLN B 265 7.09 18.09 6.61
N LEU B 266 7.50 16.84 6.83
CA LEU B 266 6.85 15.74 6.14
C LEU B 266 5.40 15.54 6.63
N SER B 267 5.15 15.81 7.90
CA SER B 267 3.77 15.71 8.44
C SER B 267 2.89 16.75 7.78
N THR B 268 3.41 17.92 7.54
CA THR B 268 2.68 18.97 6.83
C THR B 268 2.41 18.56 5.39
N ILE B 269 3.40 18.01 4.71
CA ILE B 269 3.23 17.57 3.34
C ILE B 269 2.24 16.39 3.25
N LEU B 270 2.31 15.45 4.20
CA LEU B 270 1.41 14.30 4.22
C LEU B 270 -0.02 14.80 4.41
N GLU B 271 -0.24 15.70 5.36
CA GLU B 271 -1.57 16.29 5.58
C GLU B 271 -2.13 17.04 4.36
N GLU B 272 -1.28 17.78 3.67
CA GLU B 272 -1.69 18.51 2.46
C GLU B 272 -2.12 17.56 1.35
N GLU B 273 -1.43 16.42 1.22
CA GLU B 273 -1.79 15.41 0.24
C GLU B 273 -3.11 14.73 0.59
N LYS B 274 -3.32 14.43 1.88
CA LYS B 274 -4.59 13.85 2.36
C LYS B 274 -5.84 14.73 2.12
N LEU B 275 -5.64 16.05 1.96
CA LEU B 275 -6.73 16.96 1.53
C LEU B 275 -6.91 16.91 0.01
N GLN B 276 -6.22 15.98 -0.66
CA GLN B 276 -6.19 15.81 -2.12
C GLN B 276 -5.76 17.07 -2.90
S SO4 C . -2.22 9.69 -6.57
O1 SO4 C . -3.18 9.12 -7.56
O2 SO4 C . -2.95 9.79 -5.28
O3 SO4 C . -1.72 11.02 -6.99
O4 SO4 C . -1.05 8.78 -6.47
S SO4 D . 16.59 -4.52 -8.81
O1 SO4 D . 16.74 -5.63 -9.78
O2 SO4 D . 15.17 -4.34 -8.46
O3 SO4 D . 17.12 -3.29 -9.44
O4 SO4 D . 17.35 -4.85 -7.59
S SO4 E . 26.48 16.25 15.68
O1 SO4 E . 25.52 15.77 14.68
O2 SO4 E . 25.87 17.14 16.67
O3 SO4 E . 27.58 16.95 15.00
O4 SO4 E . 27.07 15.09 16.35
CBC BI9 F . 9.49 -11.94 -0.48
CBE BI9 F . 9.45 -13.38 -0.82
OBG BI9 F . 10.54 -13.56 -1.79
CBF BI9 F . 11.89 -13.39 -1.26
CBD BI9 F . 12.01 -12.09 -0.43
NBB BI9 F . 10.75 -11.77 0.30
CBA BI9 F . 10.75 -11.35 1.58
CAY BI9 F . 9.79 -11.81 2.49
CAS BI9 F . 9.80 -11.36 3.81
OAT BI9 F . 8.89 -11.76 4.77
CAU BI9 F . 8.33 -13.08 4.63
CAX BI9 F . 11.71 -10.42 2.02
CAR BI9 F . 11.72 -9.97 3.34
CAL BI9 F . 10.77 -10.45 4.25
NAH BI9 F . 10.66 -10.07 5.54
C2 BI9 F . 11.70 -9.72 6.32
N3 BI9 F . 12.98 -9.68 5.88
N1 BI9 F . 11.42 -9.41 7.61
C6 BI9 F . 12.44 -9.05 8.50
C5 BI9 F . 13.75 -9.02 8.03
CL5 BI9 F . 14.99 -8.53 9.17
C4 BI9 F . 14.01 -9.32 6.68
NAE BI9 F . 15.31 -9.27 6.28
CAJ BI9 F . 15.68 -9.29 4.96
CAQ BI9 F . 15.09 -10.14 4.01
CAW BI9 F . 15.53 -10.12 2.68
CAZ BI9 F . 16.57 -9.28 2.30
CAV BI9 F . 17.17 -8.45 3.23
CAP BI9 F . 16.74 -8.45 4.56
CAO BI9 F . 17.39 -7.59 5.45
OAI BI9 F . 18.61 -7.68 5.63
NAN BI9 F . 16.59 -6.71 6.08
CAM BI9 F . 17.18 -5.79 7.05
#